data_6VRX
#
_entry.id   6VRX
#
_cell.length_a   104.905
_cell.length_b   104.905
_cell.length_c   111.613
_cell.angle_alpha   90.000
_cell.angle_beta   90.000
_cell.angle_gamma   120.000
#
_symmetry.space_group_name_H-M   'P 32 2 1'
#
loop_
_entity.id
_entity.type
_entity.pdbx_description
1 polymer 'Peptidylprolyl isomerase'
2 non-polymer 8-DEETHYL-8-[BUT-3-ENYL]-ASCOMYCIN
3 water water
#
_entity_poly.entity_id   1
_entity_poly.type   'polypeptide(L)'
_entity_poly.pdbx_seq_one_letter_code
;GSHMGVTVERIAPGDGKNFPKKGDKVTIHYVGTLENGDKFDSSRDRGSPFQCTIGVGQVIKGWDEGVTQLSVGEKARLIC
THDYAYGERGYPGLIPPKATLNFEVELIKIN
;
_entity_poly.pdbx_strand_id   A,B,C,D
#
loop_
_chem_comp.id
_chem_comp.type
_chem_comp.name
_chem_comp.formula
FK5 non-polymer 8-DEETHYL-8-[BUT-3-ENYL]-ASCOMYCIN 'C44 H69 N O12'
#
# COMPACT_ATOMS: atom_id res chain seq x y z
N MET A 4 8.41 0.63 5.12
CA MET A 4 7.56 0.87 6.28
C MET A 4 7.69 -0.27 7.29
N GLY A 5 8.93 -0.59 7.67
CA GLY A 5 9.15 -1.45 8.82
C GLY A 5 9.45 -2.89 8.45
N VAL A 6 8.44 -3.74 8.49
CA VAL A 6 8.54 -5.08 7.93
C VAL A 6 7.50 -5.20 6.83
N THR A 7 7.91 -5.78 5.72
CA THR A 7 7.03 -5.95 4.57
C THR A 7 7.08 -7.40 4.13
N VAL A 8 5.91 -7.96 3.82
CA VAL A 8 5.79 -9.36 3.42
C VAL A 8 5.64 -9.42 1.90
N GLU A 9 6.63 -10.01 1.25
CA GLU A 9 6.57 -10.28 -0.18
C GLU A 9 6.17 -11.73 -0.35
N ARG A 10 4.95 -11.97 -0.78
CA ARG A 10 4.39 -13.31 -0.88
C ARG A 10 4.91 -14.02 -2.12
N ILE A 11 5.41 -15.23 -1.94
CA ILE A 11 5.97 -16.03 -3.03
C ILE A 11 5.06 -17.22 -3.36
N ALA A 12 4.82 -18.09 -2.40
CA ALA A 12 3.93 -19.22 -2.58
C ALA A 12 3.02 -19.32 -1.38
N PRO A 13 1.74 -19.59 -1.59
CA PRO A 13 0.74 -19.37 -0.54
C PRO A 13 0.73 -20.44 0.53
N GLY A 14 0.27 -20.05 1.72
CA GLY A 14 0.07 -20.97 2.82
C GLY A 14 -1.28 -21.64 2.75
N ASP A 15 -1.70 -22.23 3.87
CA ASP A 15 -2.97 -22.94 3.87
C ASP A 15 -4.17 -22.03 4.11
N GLY A 16 -3.94 -20.74 4.34
CA GLY A 16 -5.03 -19.79 4.53
C GLY A 16 -5.78 -19.93 5.84
N LYS A 17 -5.39 -20.85 6.71
CA LYS A 17 -6.12 -21.15 7.94
C LYS A 17 -5.26 -21.00 9.18
N ASN A 18 -4.09 -21.62 9.22
CA ASN A 18 -3.27 -21.67 10.42
C ASN A 18 -2.21 -20.58 10.38
N PHE A 19 -2.36 -19.56 11.21
CA PHE A 19 -1.47 -18.42 11.32
C PHE A 19 -0.83 -18.39 12.70
N PRO A 20 0.49 -18.24 12.83
CA PRO A 20 1.09 -18.21 14.17
C PRO A 20 0.54 -17.06 15.00
N LYS A 21 0.24 -17.35 16.26
CA LYS A 21 -0.25 -16.37 17.23
C LYS A 21 0.79 -16.19 18.33
N LYS A 22 0.64 -15.10 19.08
CA LYS A 22 1.58 -14.78 20.16
C LYS A 22 1.77 -15.98 21.09
N GLY A 23 3.03 -16.29 21.40
CA GLY A 23 3.36 -17.44 22.21
C GLY A 23 3.46 -18.75 21.47
N ASP A 24 3.18 -18.78 20.18
CA ASP A 24 3.30 -20.03 19.44
C ASP A 24 4.74 -20.32 19.08
N LYS A 25 5.02 -21.61 18.98
CA LYS A 25 6.28 -22.12 18.44
C LYS A 25 6.11 -22.28 16.95
N VAL A 26 7.10 -21.81 16.19
CA VAL A 26 7.08 -21.99 14.75
C VAL A 26 8.33 -22.76 14.34
N THR A 27 8.19 -23.51 13.26
CA THR A 27 9.27 -24.22 12.62
C THR A 27 9.41 -23.59 11.25
N ILE A 28 10.59 -23.07 10.94
CA ILE A 28 10.69 -22.17 9.81
C ILE A 28 12.08 -22.22 9.19
N HIS A 29 12.12 -22.48 7.88
CA HIS A 29 13.34 -22.38 7.11
C HIS A 29 13.54 -20.93 6.69
N TYR A 30 14.79 -20.45 6.74
CA TYR A 30 15.04 -19.08 6.33
C TYR A 30 16.42 -18.99 5.67
N VAL A 31 16.53 -18.03 4.75
CA VAL A 31 17.78 -17.59 4.15
C VAL A 31 17.85 -16.09 4.34
N GLY A 32 18.89 -15.61 5.02
CA GLY A 32 19.05 -14.19 5.32
C GLY A 32 20.08 -13.52 4.42
N THR A 33 19.67 -12.42 3.80
CA THR A 33 20.53 -11.63 2.93
C THR A 33 20.51 -10.16 3.33
N LEU A 34 21.62 -9.47 3.12
CA LEU A 34 21.71 -8.04 3.37
C LEU A 34 21.21 -7.26 2.15
N GLU A 35 21.02 -5.96 2.33
CA GLU A 35 20.50 -5.11 1.25
C GLU A 35 21.29 -5.17 -0.06
N ASN A 36 22.51 -5.70 -0.05
CA ASN A 36 23.28 -5.83 -1.28
C ASN A 36 23.16 -7.20 -1.92
N GLY A 37 22.45 -8.12 -1.28
CA GLY A 37 22.30 -9.45 -1.83
C GLY A 37 23.20 -10.52 -1.23
N ASP A 38 24.07 -10.17 -0.28
CA ASP A 38 24.98 -11.16 0.27
C ASP A 38 24.33 -11.91 1.44
N LYS A 39 24.41 -13.23 1.38
CA LYS A 39 23.90 -14.09 2.42
C LYS A 39 24.70 -13.90 3.72
N PHE A 40 24.01 -13.76 4.85
CA PHE A 40 24.70 -13.82 6.13
C PHE A 40 24.31 -15.03 6.96
N ASP A 41 23.21 -15.72 6.65
CA ASP A 41 22.82 -16.88 7.43
C ASP A 41 21.81 -17.70 6.65
N SER A 42 21.72 -18.98 6.98
CA SER A 42 20.82 -19.88 6.25
C SER A 42 20.57 -21.13 7.06
N SER A 43 19.30 -21.37 7.43
CA SER A 43 18.95 -22.67 8.02
C SER A 43 19.00 -23.78 6.97
N ARG A 44 18.82 -23.44 5.69
CA ARG A 44 18.84 -24.47 4.66
C ARG A 44 20.25 -25.02 4.45
N ASP A 45 21.29 -24.21 4.61
CA ASP A 45 22.65 -24.76 4.52
C ASP A 45 22.96 -25.69 5.67
N ARG A 46 22.27 -25.55 6.81
CA ARG A 46 22.41 -26.49 7.93
C ARG A 46 21.44 -27.65 7.86
N GLY A 47 20.65 -27.75 6.80
CA GLY A 47 19.60 -28.74 6.64
C GLY A 47 18.59 -28.81 7.76
N SER A 48 18.36 -27.69 8.46
CA SER A 48 17.68 -27.70 9.74
C SER A 48 16.79 -26.47 9.97
N PRO A 49 15.49 -26.60 9.77
CA PRO A 49 14.58 -25.50 10.08
C PRO A 49 14.77 -25.00 11.50
N PHE A 50 14.58 -23.72 11.67
CA PHE A 50 14.75 -23.06 12.96
C PHE A 50 13.42 -23.08 13.69
N GLN A 51 13.48 -23.10 15.03
CA GLN A 51 12.30 -23.10 15.90
C GLN A 51 12.42 -21.98 16.92
N CYS A 52 11.33 -21.26 17.12
CA CYS A 52 11.31 -20.18 18.10
C CYS A 52 9.88 -19.84 18.45
N THR A 53 9.73 -18.97 19.45
CA THR A 53 8.44 -18.53 19.94
C THR A 53 8.15 -17.15 19.36
N ILE A 54 7.05 -17.03 18.65
CA ILE A 54 6.71 -15.80 17.96
C ILE A 54 6.01 -14.85 18.92
N GLY A 55 6.25 -13.55 18.74
CA GLY A 55 5.48 -12.51 19.38
C GLY A 55 5.81 -12.21 20.83
N VAL A 56 6.92 -12.72 21.37
CA VAL A 56 7.20 -12.53 22.79
C VAL A 56 8.55 -11.83 23.00
N GLY A 57 9.07 -11.18 21.97
CA GLY A 57 10.27 -10.39 22.10
C GLY A 57 11.59 -11.13 21.99
N GLN A 58 11.60 -12.42 21.58
CA GLN A 58 12.85 -13.16 21.53
C GLN A 58 13.53 -13.13 20.18
N VAL A 59 12.80 -12.86 19.10
CA VAL A 59 13.39 -12.65 17.78
C VAL A 59 13.19 -11.19 17.39
N ILE A 60 13.83 -10.77 16.29
CA ILE A 60 13.72 -9.37 15.86
C ILE A 60 12.27 -9.01 15.57
N LYS A 61 12.00 -7.71 15.64
CA LYS A 61 10.63 -7.20 15.49
C LYS A 61 10.03 -7.62 14.15
N GLY A 62 10.84 -7.61 13.09
CA GLY A 62 10.34 -7.99 11.78
C GLY A 62 9.80 -9.40 11.76
N TRP A 63 10.32 -10.28 12.61
CA TRP A 63 9.77 -11.64 12.65
C TRP A 63 8.50 -11.68 13.50
N ASP A 64 8.51 -11.00 14.64
CA ASP A 64 7.34 -10.95 15.50
C ASP A 64 6.12 -10.36 14.79
N GLU A 65 6.31 -9.27 14.04
CA GLU A 65 5.21 -8.70 13.27
C GLU A 65 5.09 -9.28 11.87
N GLY A 66 6.04 -10.10 11.44
CA GLY A 66 6.04 -10.59 10.07
C GLY A 66 5.63 -12.03 9.95
N VAL A 67 6.05 -12.88 10.90
CA VAL A 67 5.71 -14.29 10.77
C VAL A 67 4.24 -14.53 11.12
N THR A 68 3.66 -13.69 11.96
CA THR A 68 2.24 -13.76 12.26
C THR A 68 1.35 -13.49 11.04
N GLN A 69 1.90 -13.08 9.90
CA GLN A 69 1.12 -12.85 8.69
C GLN A 69 1.20 -13.99 7.73
N LEU A 70 1.84 -15.09 8.10
CA LEU A 70 1.99 -16.25 7.23
C LEU A 70 1.13 -17.38 7.74
N SER A 71 0.77 -18.27 6.83
CA SER A 71 0.07 -19.48 7.21
C SER A 71 0.93 -20.68 6.86
N VAL A 72 0.67 -21.81 7.53
CA VAL A 72 1.52 -22.99 7.38
C VAL A 72 1.65 -23.32 5.90
N GLY A 73 2.87 -23.68 5.49
CA GLY A 73 3.20 -23.98 4.11
C GLY A 73 3.68 -22.80 3.27
N GLU A 74 3.49 -21.57 3.75
CA GLU A 74 3.76 -20.40 2.92
C GLU A 74 5.27 -20.16 2.74
N LYS A 75 5.65 -19.68 1.56
CA LYS A 75 6.96 -19.12 1.31
C LYS A 75 6.81 -17.61 1.14
N ALA A 76 7.74 -16.86 1.71
CA ALA A 76 7.66 -15.41 1.57
C ALA A 76 9.02 -14.80 1.89
N ARG A 77 9.15 -13.51 1.61
CA ARG A 77 10.29 -12.74 2.05
C ARG A 77 9.79 -11.76 3.08
N LEU A 78 10.44 -11.72 4.23
CA LEU A 78 10.26 -10.62 5.16
C LEU A 78 11.37 -9.62 4.89
N ILE A 79 10.99 -8.40 4.53
CA ILE A 79 11.93 -7.30 4.34
C ILE A 79 11.88 -6.45 5.61
N CYS A 80 12.94 -6.50 6.41
CA CYS A 80 12.97 -5.83 7.70
C CYS A 80 13.92 -4.65 7.62
N THR A 81 13.38 -3.44 7.64
CA THR A 81 14.25 -2.28 7.79
C THR A 81 14.87 -2.31 9.18
N HIS A 82 15.86 -1.45 9.40
CA HIS A 82 16.75 -1.66 10.54
C HIS A 82 16.03 -1.48 11.87
N ASP A 83 14.95 -0.70 11.90
CA ASP A 83 14.22 -0.54 13.16
C ASP A 83 13.40 -1.77 13.53
N TYR A 84 13.12 -2.65 12.57
CA TYR A 84 12.57 -3.98 12.85
C TYR A 84 13.65 -5.07 12.82
N ALA A 85 14.93 -4.68 12.85
CA ALA A 85 16.00 -5.67 12.91
C ALA A 85 17.04 -5.26 13.98
N TYR A 86 18.28 -4.95 13.60
CA TYR A 86 19.30 -4.67 14.60
C TYR A 86 19.66 -3.19 14.67
N GLY A 87 18.79 -2.32 14.19
CA GLY A 87 18.79 -0.94 14.62
C GLY A 87 19.94 -0.12 14.10
N GLU A 88 20.24 0.94 14.85
CA GLU A 88 21.25 1.87 14.40
C GLU A 88 22.66 1.31 14.63
N ARG A 89 22.90 0.60 15.74
CA ARG A 89 24.24 0.06 15.97
C ARG A 89 24.54 -1.15 15.09
N GLY A 90 23.53 -1.95 14.75
CA GLY A 90 23.76 -3.17 13.98
C GLY A 90 24.12 -4.34 14.89
N TYR A 91 24.78 -5.34 14.30
CA TYR A 91 25.26 -6.50 15.04
C TYR A 91 26.76 -6.66 14.75
N PRO A 92 27.62 -6.27 15.70
CA PRO A 92 29.08 -6.27 15.46
C PRO A 92 29.62 -7.53 14.82
N GLY A 93 30.23 -7.41 13.64
CA GLY A 93 30.77 -8.55 12.94
C GLY A 93 29.89 -9.08 11.83
N LEU A 94 28.57 -8.87 11.91
CA LEU A 94 27.64 -9.56 11.01
C LEU A 94 26.74 -8.63 10.21
N ILE A 95 26.09 -7.71 10.92
CA ILE A 95 25.07 -6.85 10.35
C ILE A 95 25.58 -5.43 10.46
N PRO A 96 25.83 -4.74 9.36
CA PRO A 96 26.21 -3.34 9.41
C PRO A 96 25.11 -2.50 10.00
N PRO A 97 25.44 -1.30 10.48
CA PRO A 97 24.43 -0.38 11.02
C PRO A 97 23.38 0.03 10.00
N LYS A 98 22.16 0.28 10.51
CA LYS A 98 21.00 0.74 9.73
C LYS A 98 20.68 -0.16 8.53
N ALA A 99 21.07 -1.43 8.59
CA ALA A 99 20.85 -2.32 7.46
C ALA A 99 19.40 -2.78 7.35
N THR A 100 18.92 -2.84 6.12
CA THR A 100 17.73 -3.61 5.78
C THR A 100 18.14 -5.07 5.62
N LEU A 101 17.34 -5.98 6.19
CA LEU A 101 17.56 -7.42 6.06
C LEU A 101 16.40 -8.08 5.33
N ASN A 102 16.70 -9.18 4.62
CA ASN A 102 15.76 -9.84 3.71
C ASN A 102 15.81 -11.32 4.04
N PHE A 103 14.72 -11.86 4.58
CA PHE A 103 14.63 -13.27 4.96
C PHE A 103 13.67 -13.99 4.01
N GLU A 104 14.19 -14.91 3.22
CA GLU A 104 13.33 -15.80 2.46
C GLU A 104 12.94 -16.94 3.38
N VAL A 105 11.65 -17.02 3.75
CA VAL A 105 11.21 -17.93 4.81
C VAL A 105 10.17 -18.90 4.27
N GLU A 106 10.13 -20.08 4.88
CA GLU A 106 9.08 -21.06 4.65
C GLU A 106 8.58 -21.53 6.01
N LEU A 107 7.29 -21.32 6.28
CA LEU A 107 6.69 -21.72 7.54
C LEU A 107 6.27 -23.17 7.44
N ILE A 108 6.97 -24.04 8.17
CA ILE A 108 6.77 -25.48 8.05
C ILE A 108 5.71 -25.99 9.01
N LYS A 109 5.59 -25.42 10.20
CA LYS A 109 4.70 -25.98 11.20
C LYS A 109 4.51 -24.99 12.33
N ILE A 110 3.33 -25.03 12.94
CA ILE A 110 2.98 -24.25 14.12
C ILE A 110 2.70 -25.21 15.27
N ASN A 111 3.10 -24.81 16.47
CA ASN A 111 2.58 -25.43 17.69
C ASN A 111 2.16 -24.36 18.74
N GLY B 5 -20.27 -21.02 -4.43
CA GLY B 5 -20.54 -19.96 -3.47
C GLY B 5 -19.51 -18.85 -3.49
N VAL B 6 -19.25 -18.26 -2.31
CA VAL B 6 -18.13 -17.37 -2.10
C VAL B 6 -17.19 -18.04 -1.11
N THR B 7 -15.91 -18.12 -1.46
CA THR B 7 -14.89 -18.64 -0.58
C THR B 7 -13.97 -17.52 -0.15
N VAL B 8 -13.62 -17.51 1.13
CA VAL B 8 -12.67 -16.55 1.68
C VAL B 8 -11.37 -17.29 1.94
N GLU B 9 -10.29 -16.79 1.36
CA GLU B 9 -8.96 -17.34 1.58
C GLU B 9 -8.13 -16.31 2.32
N ARG B 10 -7.83 -16.59 3.58
CA ARG B 10 -7.07 -15.64 4.38
C ARG B 10 -5.65 -15.54 3.86
N ILE B 11 -5.14 -14.32 3.81
CA ILE B 11 -3.76 -14.05 3.44
C ILE B 11 -2.98 -13.47 4.60
N ALA B 12 -3.55 -12.48 5.30
CA ALA B 12 -2.94 -11.97 6.49
C ALA B 12 -4.09 -11.70 7.45
N PRO B 13 -3.97 -12.10 8.71
CA PRO B 13 -5.10 -11.99 9.64
C PRO B 13 -5.30 -10.56 10.09
N GLY B 14 -6.48 -10.32 10.65
CA GLY B 14 -6.80 -9.03 11.24
C GLY B 14 -6.72 -9.06 12.76
N ASP B 15 -7.50 -8.20 13.40
CA ASP B 15 -7.51 -8.16 14.86
C ASP B 15 -8.19 -9.38 15.47
N GLY B 16 -8.98 -10.14 14.71
CA GLY B 16 -9.74 -11.25 15.25
C GLY B 16 -10.93 -10.88 16.11
N LYS B 17 -11.08 -9.61 16.51
CA LYS B 17 -12.17 -9.20 17.38
C LYS B 17 -13.33 -8.58 16.60
N ASN B 18 -13.04 -7.55 15.81
CA ASN B 18 -14.05 -6.64 15.27
C ASN B 18 -14.43 -7.04 13.84
N PHE B 19 -15.58 -7.73 13.69
CA PHE B 19 -16.11 -8.10 12.37
C PHE B 19 -17.28 -7.18 12.00
N PRO B 20 -17.47 -6.86 10.73
CA PRO B 20 -18.57 -5.97 10.36
C PRO B 20 -19.89 -6.73 10.27
N LYS B 21 -20.97 -6.03 10.65
CA LYS B 21 -22.30 -6.60 10.73
C LYS B 21 -23.22 -5.91 9.73
N LYS B 22 -24.35 -6.55 9.44
CA LYS B 22 -25.37 -5.94 8.60
C LYS B 22 -25.68 -4.53 9.04
N GLY B 23 -25.58 -3.57 8.11
CA GLY B 23 -25.81 -2.17 8.40
C GLY B 23 -24.58 -1.37 8.73
N ASP B 24 -23.40 -2.01 8.84
CA ASP B 24 -22.16 -1.32 9.10
C ASP B 24 -21.57 -0.72 7.84
N LYS B 25 -20.90 0.41 7.99
CA LYS B 25 -20.08 0.96 6.92
C LYS B 25 -18.69 0.34 7.00
N VAL B 26 -18.18 -0.11 5.87
CA VAL B 26 -16.86 -0.71 5.76
C VAL B 26 -16.08 0.10 4.73
N THR B 27 -14.79 0.32 4.99
CA THR B 27 -13.87 0.91 4.03
C THR B 27 -12.82 -0.11 3.65
N ILE B 28 -12.65 -0.35 2.35
CA ILE B 28 -11.99 -1.53 1.81
C ILE B 28 -11.15 -1.11 0.62
N HIS B 29 -9.88 -1.49 0.61
CA HIS B 29 -9.09 -1.47 -0.62
C HIS B 29 -9.25 -2.82 -1.28
N TYR B 30 -9.29 -2.84 -2.61
CA TYR B 30 -9.52 -4.12 -3.25
C TYR B 30 -8.83 -4.15 -4.60
N VAL B 31 -8.53 -5.36 -5.04
CA VAL B 31 -8.01 -5.63 -6.36
C VAL B 31 -8.86 -6.72 -6.97
N GLY B 32 -9.56 -6.40 -8.06
CA GLY B 32 -10.35 -7.39 -8.74
C GLY B 32 -9.56 -8.06 -9.84
N THR B 33 -9.41 -9.38 -9.76
CA THR B 33 -8.86 -10.15 -10.87
C THR B 33 -9.89 -11.20 -11.30
N LEU B 34 -9.80 -11.59 -12.56
CA LEU B 34 -10.56 -12.75 -13.01
C LEU B 34 -9.87 -14.02 -12.54
N GLU B 35 -10.65 -15.11 -12.49
CA GLU B 35 -10.15 -16.37 -11.94
C GLU B 35 -8.98 -16.94 -12.73
N ASN B 36 -8.14 -16.07 -13.31
CA ASN B 36 -6.87 -16.49 -13.88
C ASN B 36 -5.72 -15.53 -13.61
N GLY B 37 -5.96 -14.35 -13.06
CA GLY B 37 -4.87 -13.57 -12.52
C GLY B 37 -4.86 -12.11 -12.94
N ASP B 38 -5.57 -11.80 -14.02
CA ASP B 38 -5.56 -10.46 -14.60
C ASP B 38 -6.42 -9.50 -13.80
N LYS B 39 -5.83 -8.37 -13.42
CA LYS B 39 -6.59 -7.32 -12.75
C LYS B 39 -7.52 -6.68 -13.77
N PHE B 40 -8.80 -6.50 -13.37
CA PHE B 40 -9.71 -5.64 -14.11
C PHE B 40 -9.98 -4.32 -13.40
N ASP B 41 -9.81 -4.25 -12.08
CA ASP B 41 -10.08 -3.03 -11.34
C ASP B 41 -9.26 -3.06 -10.05
N SER B 42 -8.92 -1.88 -9.55
CA SER B 42 -8.24 -1.76 -8.29
C SER B 42 -8.45 -0.37 -7.73
N SER B 43 -8.91 -0.30 -6.47
CA SER B 43 -9.00 0.96 -5.75
C SER B 43 -7.64 1.46 -5.29
N ARG B 44 -6.64 0.58 -5.25
CA ARG B 44 -5.30 1.00 -4.90
C ARG B 44 -4.70 1.87 -5.99
N ASP B 45 -5.15 1.68 -7.23
CA ASP B 45 -4.66 2.50 -8.31
C ASP B 45 -5.27 3.88 -8.34
N ARG B 46 -6.45 4.05 -7.77
CA ARG B 46 -7.06 5.38 -7.63
C ARG B 46 -6.66 6.08 -6.35
N GLY B 47 -5.90 5.42 -5.48
CA GLY B 47 -5.65 5.93 -4.15
C GLY B 47 -6.89 6.16 -3.31
N SER B 48 -7.98 5.46 -3.58
CA SER B 48 -9.25 5.73 -2.91
C SER B 48 -9.93 4.41 -2.56
N PRO B 49 -9.90 4.00 -1.30
CA PRO B 49 -10.60 2.77 -0.92
C PRO B 49 -12.09 2.94 -1.16
N PHE B 50 -12.76 1.80 -1.36
CA PHE B 50 -14.21 1.78 -1.45
C PHE B 50 -14.81 1.88 -0.06
N GLN B 51 -15.89 2.64 0.08
CA GLN B 51 -16.71 2.58 1.29
C GLN B 51 -18.16 2.30 0.94
N CYS B 52 -18.79 1.38 1.65
CA CYS B 52 -20.18 1.05 1.46
C CYS B 52 -20.78 0.57 2.78
N THR B 53 -22.11 0.44 2.79
CA THR B 53 -22.82 -0.28 3.83
C THR B 53 -22.89 -1.75 3.44
N ILE B 54 -22.60 -2.63 4.37
CA ILE B 54 -22.42 -4.04 4.04
C ILE B 54 -23.64 -4.83 4.49
N GLY B 55 -23.91 -5.91 3.77
CA GLY B 55 -25.02 -6.80 4.08
C GLY B 55 -26.40 -6.25 3.81
N VAL B 56 -26.54 -5.22 2.97
CA VAL B 56 -27.85 -4.63 2.70
C VAL B 56 -28.14 -4.50 1.20
N GLY B 57 -27.45 -5.28 0.37
CA GLY B 57 -27.68 -5.23 -1.07
C GLY B 57 -27.08 -4.06 -1.83
N GLN B 58 -26.19 -3.27 -1.24
CA GLN B 58 -25.53 -2.21 -2.01
C GLN B 58 -24.41 -2.70 -2.91
N VAL B 59 -23.86 -3.90 -2.67
CA VAL B 59 -22.77 -4.44 -3.47
C VAL B 59 -23.15 -5.85 -3.91
N ILE B 60 -22.35 -6.44 -4.80
CA ILE B 60 -22.63 -7.80 -5.25
C ILE B 60 -22.69 -8.77 -4.08
N LYS B 61 -23.29 -9.93 -4.33
CA LYS B 61 -23.62 -10.85 -3.25
C LYS B 61 -22.35 -11.40 -2.58
N GLY B 62 -21.32 -11.70 -3.37
CA GLY B 62 -20.08 -12.21 -2.80
C GLY B 62 -19.50 -11.28 -1.74
N TRP B 63 -19.56 -9.97 -1.97
CA TRP B 63 -19.07 -9.03 -0.96
C TRP B 63 -19.95 -9.02 0.28
N ASP B 64 -21.27 -9.09 0.11
CA ASP B 64 -22.16 -9.11 1.27
C ASP B 64 -21.91 -10.37 2.11
N GLU B 65 -21.69 -11.52 1.45
CA GLU B 65 -21.43 -12.75 2.19
C GLU B 65 -20.02 -12.80 2.77
N GLY B 66 -19.03 -12.32 2.01
CA GLY B 66 -17.64 -12.51 2.37
C GLY B 66 -17.09 -11.49 3.34
N VAL B 67 -17.31 -10.20 3.05
CA VAL B 67 -16.73 -9.13 3.87
C VAL B 67 -17.08 -9.30 5.35
N THR B 68 -18.24 -9.88 5.64
CA THR B 68 -18.64 -10.10 7.02
C THR B 68 -17.88 -11.22 7.73
N GLN B 69 -17.03 -11.98 7.02
CA GLN B 69 -16.17 -12.98 7.63
C GLN B 69 -14.75 -12.45 7.91
N LEU B 70 -14.51 -11.16 7.78
CA LEU B 70 -13.19 -10.59 7.98
C LEU B 70 -13.23 -9.69 9.21
N SER B 71 -12.11 -9.59 9.91
CA SER B 71 -12.01 -8.61 10.97
C SER B 71 -11.12 -7.47 10.50
N VAL B 72 -11.21 -6.34 11.21
CA VAL B 72 -10.47 -5.14 10.81
C VAL B 72 -9.01 -5.46 10.56
N GLY B 73 -8.49 -4.99 9.43
CA GLY B 73 -7.13 -5.24 9.05
C GLY B 73 -6.90 -6.52 8.30
N GLU B 74 -7.84 -7.47 8.35
CA GLU B 74 -7.64 -8.72 7.65
C GLU B 74 -7.46 -8.46 6.16
N LYS B 75 -6.58 -9.24 5.54
CA LYS B 75 -6.44 -9.26 4.10
C LYS B 75 -6.79 -10.66 3.64
N ALA B 76 -7.68 -10.74 2.65
CA ALA B 76 -8.15 -12.03 2.19
C ALA B 76 -8.54 -11.92 0.72
N ARG B 77 -8.79 -13.07 0.13
CA ARG B 77 -9.23 -13.21 -1.24
C ARG B 77 -10.67 -13.73 -1.19
N LEU B 78 -11.62 -12.90 -1.63
CA LEU B 78 -12.99 -13.34 -1.85
C LEU B 78 -13.11 -13.94 -3.25
N ILE B 79 -13.41 -15.23 -3.33
CA ILE B 79 -13.61 -15.90 -4.59
C ILE B 79 -15.12 -16.00 -4.83
N CYS B 80 -15.61 -15.19 -5.75
CA CYS B 80 -17.03 -15.12 -6.02
C CYS B 80 -17.27 -15.83 -7.33
N THR B 81 -17.98 -16.95 -7.27
CA THR B 81 -18.49 -17.53 -8.50
C THR B 81 -19.55 -16.58 -9.07
N HIS B 82 -19.96 -16.84 -10.32
CA HIS B 82 -20.76 -15.82 -11.01
C HIS B 82 -22.11 -15.61 -10.36
N ASP B 83 -22.69 -16.63 -9.71
CA ASP B 83 -23.95 -16.42 -9.01
C ASP B 83 -23.83 -15.38 -7.90
N TYR B 84 -22.64 -15.24 -7.33
CA TYR B 84 -22.38 -14.22 -6.31
C TYR B 84 -21.78 -12.96 -6.89
N ALA B 85 -21.76 -12.85 -8.22
CA ALA B 85 -21.11 -11.74 -8.91
C ALA B 85 -22.00 -11.20 -10.03
N TYR B 86 -21.53 -11.32 -11.28
CA TYR B 86 -22.25 -10.79 -12.44
C TYR B 86 -22.90 -11.88 -13.28
N GLY B 87 -23.15 -13.03 -12.68
CA GLY B 87 -24.12 -13.94 -13.25
C GLY B 87 -23.73 -14.57 -14.57
N GLU B 88 -24.73 -15.15 -15.22
CA GLU B 88 -24.48 -15.85 -16.46
C GLU B 88 -24.12 -14.91 -17.58
N ARG B 89 -24.64 -13.68 -17.57
CA ARG B 89 -24.37 -12.73 -18.63
C ARG B 89 -23.16 -11.84 -18.38
N GLY B 90 -22.59 -11.84 -17.17
CA GLY B 90 -21.45 -11.00 -16.92
C GLY B 90 -21.84 -9.53 -16.97
N TYR B 91 -20.82 -8.68 -17.10
CA TYR B 91 -21.02 -7.24 -17.29
C TYR B 91 -20.44 -6.88 -18.64
N PRO B 92 -21.26 -6.82 -19.70
CA PRO B 92 -20.72 -6.70 -21.07
C PRO B 92 -19.80 -5.50 -21.23
N GLY B 93 -18.65 -5.75 -21.86
CA GLY B 93 -17.59 -4.77 -21.95
C GLY B 93 -16.60 -4.77 -20.82
N LEU B 94 -16.86 -5.52 -19.73
CA LEU B 94 -16.01 -5.45 -18.56
C LEU B 94 -15.73 -6.84 -18.00
N ILE B 95 -16.76 -7.67 -17.85
CA ILE B 95 -16.63 -8.96 -17.18
C ILE B 95 -17.22 -10.02 -18.09
N PRO B 96 -16.47 -11.07 -18.44
CA PRO B 96 -17.01 -12.13 -19.30
C PRO B 96 -18.20 -12.82 -18.66
N PRO B 97 -19.01 -13.52 -19.46
CA PRO B 97 -20.10 -14.31 -18.89
C PRO B 97 -19.57 -15.46 -18.06
N LYS B 98 -20.33 -15.81 -17.01
CA LYS B 98 -19.98 -16.92 -16.11
C LYS B 98 -18.54 -16.81 -15.59
N ALA B 99 -18.18 -15.64 -15.08
CA ALA B 99 -16.83 -15.43 -14.62
C ALA B 99 -16.75 -15.62 -13.12
N THR B 100 -15.66 -16.23 -12.65
CA THR B 100 -15.32 -16.22 -11.24
C THR B 100 -14.40 -15.05 -10.97
N LEU B 101 -14.77 -14.22 -10.01
CA LEU B 101 -13.96 -13.06 -9.65
C LEU B 101 -13.28 -13.29 -8.32
N ASN B 102 -11.98 -13.06 -8.28
CA ASN B 102 -11.26 -12.99 -7.03
C ASN B 102 -11.16 -11.54 -6.65
N PHE B 103 -11.64 -11.20 -5.49
CA PHE B 103 -11.42 -9.86 -4.95
C PHE B 103 -10.41 -10.03 -3.84
N GLU B 104 -9.23 -9.46 -4.02
CA GLU B 104 -8.24 -9.42 -2.97
C GLU B 104 -8.52 -8.18 -2.15
N VAL B 105 -9.06 -8.35 -0.95
CA VAL B 105 -9.60 -7.23 -0.19
C VAL B 105 -8.87 -7.10 1.14
N GLU B 106 -8.83 -5.87 1.63
CA GLU B 106 -8.25 -5.55 2.93
C GLU B 106 -9.25 -4.66 3.65
N LEU B 107 -9.85 -5.17 4.73
CA LEU B 107 -10.80 -4.37 5.50
C LEU B 107 -10.03 -3.31 6.30
N ILE B 108 -10.35 -2.06 6.04
CA ILE B 108 -9.55 -0.93 6.52
C ILE B 108 -10.22 -0.32 7.75
N LYS B 109 -11.55 -0.35 7.80
CA LYS B 109 -12.25 0.39 8.85
C LYS B 109 -13.72 0.02 8.86
N ILE B 110 -14.28 -0.07 10.05
CA ILE B 110 -15.70 -0.31 10.27
C ILE B 110 -16.31 0.92 10.92
N ASN B 111 -17.49 1.29 10.48
CA ASN B 111 -18.24 2.36 11.11
C ASN B 111 -19.68 1.90 11.35
N MET C 4 25.43 8.87 -1.67
CA MET C 4 25.11 9.84 -2.70
C MET C 4 24.09 9.32 -3.72
N GLY C 5 22.85 9.78 -3.57
CA GLY C 5 21.87 9.67 -4.64
C GLY C 5 21.02 8.42 -4.68
N VAL C 6 21.50 7.39 -5.38
CA VAL C 6 20.71 6.21 -5.67
C VAL C 6 21.25 5.04 -4.87
N THR C 7 20.51 4.65 -3.83
CA THR C 7 20.80 3.42 -3.11
C THR C 7 19.99 2.28 -3.71
N VAL C 8 20.59 1.10 -3.76
CA VAL C 8 19.94 -0.09 -4.30
C VAL C 8 19.86 -1.15 -3.21
N GLU C 9 18.67 -1.37 -2.68
CA GLU C 9 18.40 -2.44 -1.72
C GLU C 9 17.71 -3.59 -2.46
N ARG C 10 18.41 -4.72 -2.60
CA ARG C 10 17.90 -5.85 -3.37
C ARG C 10 16.89 -6.66 -2.55
N ILE C 11 15.94 -7.27 -3.26
CA ILE C 11 14.83 -7.99 -2.65
C ILE C 11 14.78 -9.40 -3.24
N ALA C 12 14.73 -9.50 -4.55
CA ALA C 12 14.80 -10.82 -5.14
C ALA C 12 15.84 -10.82 -6.26
N PRO C 13 16.49 -11.95 -6.50
CA PRO C 13 17.64 -11.97 -7.42
C PRO C 13 17.27 -12.17 -8.87
N GLY C 14 17.91 -11.40 -9.73
CA GLY C 14 17.77 -11.60 -11.16
C GLY C 14 18.68 -12.71 -11.64
N ASP C 15 19.21 -12.57 -12.85
CA ASP C 15 20.14 -13.57 -13.36
C ASP C 15 21.59 -13.20 -13.10
N GLY C 16 21.86 -12.05 -12.47
CA GLY C 16 23.20 -11.64 -12.17
C GLY C 16 24.11 -11.35 -13.34
N LYS C 17 23.70 -11.64 -14.57
CA LYS C 17 24.56 -11.37 -15.73
C LYS C 17 24.08 -10.23 -16.63
N ASN C 18 22.77 -10.08 -16.87
CA ASN C 18 22.29 -9.17 -17.91
C ASN C 18 21.79 -7.86 -17.30
N PHE C 19 22.64 -6.82 -17.33
CA PHE C 19 22.33 -5.46 -16.90
C PHE C 19 21.95 -4.59 -18.09
N PRO C 20 20.94 -3.74 -17.96
CA PRO C 20 20.60 -2.84 -19.08
C PRO C 20 21.68 -1.78 -19.25
N LYS C 21 22.03 -1.54 -20.52
CA LYS C 21 23.01 -0.52 -20.87
C LYS C 21 22.31 0.65 -21.54
N LYS C 22 23.04 1.75 -21.70
CA LYS C 22 22.51 2.97 -22.27
C LYS C 22 21.83 2.71 -23.62
N GLY C 23 20.64 3.25 -23.80
CA GLY C 23 19.88 3.00 -25.00
C GLY C 23 19.12 1.70 -25.02
N ASP C 24 19.28 0.84 -24.02
CA ASP C 24 18.43 -0.35 -23.95
C ASP C 24 17.01 0.03 -23.56
N LYS C 25 16.05 -0.74 -24.07
CA LYS C 25 14.67 -0.63 -23.63
C LYS C 25 14.45 -1.58 -22.46
N VAL C 26 13.87 -1.06 -21.39
CA VAL C 26 13.64 -1.82 -20.17
C VAL C 26 12.15 -1.82 -19.84
N THR C 27 11.62 -3.00 -19.57
CA THR C 27 10.25 -3.14 -19.08
C THR C 27 10.31 -3.44 -17.60
N ILE C 28 9.58 -2.66 -16.81
CA ILE C 28 9.71 -2.61 -15.35
C ILE C 28 8.33 -2.53 -14.70
N HIS C 29 8.12 -3.34 -13.68
CA HIS C 29 7.03 -3.11 -12.74
C HIS C 29 7.56 -2.33 -11.54
N TYR C 30 6.84 -1.30 -11.10
CA TYR C 30 7.35 -0.48 -10.03
C TYR C 30 6.22 -0.08 -9.08
N VAL C 31 6.60 0.19 -7.83
CA VAL C 31 5.76 0.80 -6.82
C VAL C 31 6.52 2.00 -6.29
N GLY C 32 5.91 3.18 -6.36
CA GLY C 32 6.52 4.40 -5.88
C GLY C 32 5.95 4.86 -4.55
N THR C 33 6.82 5.01 -3.56
CA THR C 33 6.38 5.48 -2.26
C THR C 33 7.26 6.63 -1.78
N LEU C 34 6.70 7.44 -0.90
CA LEU C 34 7.46 8.48 -0.24
C LEU C 34 8.38 7.85 0.81
N GLU C 35 9.16 8.71 1.48
CA GLU C 35 10.05 8.28 2.55
C GLU C 35 9.30 7.47 3.61
N ASN C 36 8.17 8.00 4.09
CA ASN C 36 7.36 7.35 5.11
C ASN C 36 6.68 6.07 4.63
N GLY C 37 6.88 5.66 3.38
CA GLY C 37 6.26 4.45 2.88
C GLY C 37 4.88 4.60 2.26
N ASP C 38 4.30 5.81 2.26
CA ASP C 38 3.02 6.05 1.62
C ASP C 38 3.16 5.97 0.09
N LYS C 39 2.34 5.15 -0.55
CA LYS C 39 2.44 4.92 -1.99
C LYS C 39 1.82 6.08 -2.77
N PHE C 40 2.46 6.45 -3.89
CA PHE C 40 1.90 7.47 -4.77
C PHE C 40 1.63 7.01 -6.19
N ASP C 41 2.15 5.86 -6.61
CA ASP C 41 1.87 5.33 -7.94
C ASP C 41 2.39 3.90 -8.00
N SER C 42 1.75 3.09 -8.84
CA SER C 42 2.12 1.67 -8.94
C SER C 42 1.70 1.11 -10.29
N SER C 43 2.66 0.66 -11.09
CA SER C 43 2.33 -0.03 -12.32
C SER C 43 1.67 -1.38 -12.04
N ARG C 44 1.93 -1.98 -10.88
CA ARG C 44 1.28 -3.25 -10.55
C ARG C 44 -0.22 -3.07 -10.40
N ASP C 45 -0.67 -1.98 -9.76
CA ASP C 45 -2.09 -1.84 -9.45
C ASP C 45 -2.92 -1.68 -10.73
N ARG C 46 -2.32 -1.20 -11.79
CA ARG C 46 -3.02 -1.07 -13.06
C ARG C 46 -2.74 -2.24 -13.99
N GLY C 47 -1.97 -3.23 -13.56
CA GLY C 47 -1.68 -4.39 -14.38
C GLY C 47 -0.96 -4.11 -15.69
N SER C 48 -0.19 -3.03 -15.76
CA SER C 48 0.57 -2.67 -16.96
C SER C 48 1.98 -2.28 -16.55
N PRO C 49 3.00 -3.03 -16.91
CA PRO C 49 4.36 -2.59 -16.59
C PRO C 49 4.71 -1.36 -17.41
N PHE C 50 5.79 -0.72 -17.00
CA PHE C 50 6.28 0.46 -17.70
C PHE C 50 7.44 0.07 -18.60
N GLN C 51 7.60 0.79 -19.71
CA GLN C 51 8.69 0.53 -20.64
C GLN C 51 9.24 1.85 -21.17
N CYS C 52 10.54 2.05 -21.01
CA CYS C 52 11.24 3.25 -21.45
C CYS C 52 12.62 2.87 -21.96
N THR C 53 13.33 3.87 -22.46
CA THR C 53 14.73 3.72 -22.83
C THR C 53 15.60 4.19 -21.67
N ILE C 54 16.54 3.38 -21.25
CA ILE C 54 17.27 3.70 -20.03
C ILE C 54 18.58 4.36 -20.40
N GLY C 55 19.05 5.22 -19.51
CA GLY C 55 20.34 5.87 -19.63
C GLY C 55 20.41 7.02 -20.61
N VAL C 56 19.27 7.53 -21.10
CA VAL C 56 19.27 8.60 -22.10
C VAL C 56 18.56 9.85 -21.60
N GLY C 57 18.33 9.98 -20.30
CA GLY C 57 17.65 11.16 -19.80
C GLY C 57 16.16 11.21 -20.02
N GLN C 58 15.55 10.13 -20.51
CA GLN C 58 14.09 10.11 -20.64
C GLN C 58 13.41 10.13 -19.26
N VAL C 59 13.93 9.36 -18.31
CA VAL C 59 13.28 9.24 -17.02
C VAL C 59 14.10 9.99 -15.99
N ILE C 60 13.61 10.06 -14.75
CA ILE C 60 14.37 10.72 -13.71
C ILE C 60 15.74 10.05 -13.52
N LYS C 61 16.66 10.83 -12.95
CA LYS C 61 18.06 10.41 -12.85
C LYS C 61 18.18 9.12 -12.05
N GLY C 62 17.52 9.06 -10.90
CA GLY C 62 17.56 7.86 -10.07
C GLY C 62 17.28 6.59 -10.86
N TRP C 63 16.33 6.66 -11.81
CA TRP C 63 16.03 5.50 -12.63
C TRP C 63 17.14 5.20 -13.61
N ASP C 64 17.72 6.25 -14.23
CA ASP C 64 18.77 6.02 -15.23
C ASP C 64 20.03 5.43 -14.59
N GLU C 65 20.39 5.93 -13.41
CA GLU C 65 21.54 5.48 -12.65
C GLU C 65 21.24 4.25 -11.78
N GLY C 66 19.96 3.94 -11.53
CA GLY C 66 19.60 2.84 -10.65
C GLY C 66 19.15 1.59 -11.37
N VAL C 67 18.35 1.74 -12.44
CA VAL C 67 17.90 0.56 -13.19
C VAL C 67 19.08 -0.14 -13.84
N THR C 68 20.10 0.63 -14.24
CA THR C 68 21.32 0.07 -14.81
C THR C 68 22.15 -0.74 -13.81
N GLN C 69 21.83 -0.67 -12.52
CA GLN C 69 22.52 -1.49 -11.53
C GLN C 69 21.81 -2.80 -11.24
N LEU C 70 20.75 -3.14 -11.97
CA LEU C 70 20.00 -4.38 -11.75
C LEU C 70 20.11 -5.29 -12.96
N SER C 71 20.04 -6.59 -12.72
CA SER C 71 20.03 -7.56 -13.81
C SER C 71 18.62 -8.09 -14.02
N VAL C 72 18.42 -8.78 -15.14
CA VAL C 72 17.07 -9.18 -15.52
C VAL C 72 16.49 -10.11 -14.48
N GLY C 73 15.22 -9.88 -14.14
CA GLY C 73 14.54 -10.66 -13.13
C GLY C 73 14.66 -10.10 -11.74
N GLU C 74 15.56 -9.16 -11.52
CA GLU C 74 15.81 -8.66 -10.18
C GLU C 74 14.68 -7.77 -9.70
N LYS C 75 14.42 -7.83 -8.40
CA LYS C 75 13.47 -6.97 -7.74
C LYS C 75 14.23 -6.23 -6.64
N ALA C 76 14.09 -4.91 -6.58
CA ALA C 76 14.90 -4.11 -5.69
C ALA C 76 14.18 -2.82 -5.36
N ARG C 77 14.55 -2.22 -4.22
CA ARG C 77 14.15 -0.87 -3.89
C ARG C 77 15.22 0.11 -4.33
N LEU C 78 14.81 1.11 -5.12
CA LEU C 78 15.66 2.23 -5.51
C LEU C 78 15.32 3.41 -4.61
N ILE C 79 16.24 3.81 -3.75
CA ILE C 79 16.05 5.00 -2.93
C ILE C 79 16.70 6.18 -3.64
N CYS C 80 15.90 7.19 -3.97
CA CYS C 80 16.36 8.36 -4.72
C CYS C 80 16.14 9.60 -3.87
N THR C 81 17.23 10.24 -3.47
CA THR C 81 17.06 11.56 -2.91
C THR C 81 16.67 12.52 -4.02
N HIS C 82 16.15 13.69 -3.62
CA HIS C 82 15.46 14.55 -4.58
C HIS C 82 16.38 15.02 -5.71
N ASP C 83 17.68 15.14 -5.44
CA ASP C 83 18.62 15.44 -6.52
C ASP C 83 18.47 14.48 -7.69
N TYR C 84 18.06 13.25 -7.41
CA TYR C 84 17.89 12.22 -8.43
C TYR C 84 16.42 11.96 -8.73
N ALA C 85 15.54 12.87 -8.31
CA ALA C 85 14.11 12.70 -8.52
C ALA C 85 13.50 14.01 -9.01
N TYR C 86 12.54 14.56 -8.27
CA TYR C 86 11.83 15.74 -8.74
C TYR C 86 12.34 17.04 -8.12
N GLY C 87 13.40 16.97 -7.33
CA GLY C 87 14.15 18.16 -6.99
C GLY C 87 13.48 18.98 -5.91
N GLU C 88 13.78 20.28 -5.93
CA GLU C 88 13.28 21.17 -4.88
C GLU C 88 11.82 21.52 -5.10
N ARG C 89 11.33 21.51 -6.34
CA ARG C 89 9.92 21.77 -6.59
C ARG C 89 9.04 20.53 -6.47
N GLY C 90 9.61 19.33 -6.65
CA GLY C 90 8.77 18.16 -6.57
C GLY C 90 7.82 18.06 -7.77
N TYR C 91 6.72 17.34 -7.54
CA TYR C 91 5.68 17.15 -8.55
C TYR C 91 4.37 17.49 -7.87
N PRO C 92 3.93 18.74 -7.94
CA PRO C 92 2.76 19.18 -7.15
C PRO C 92 1.55 18.29 -7.38
N GLY C 93 0.86 17.99 -6.28
CA GLY C 93 -0.18 17.00 -6.30
C GLY C 93 0.34 15.64 -5.86
N LEU C 94 1.49 15.23 -6.42
CA LEU C 94 2.06 13.91 -6.14
C LEU C 94 3.25 13.95 -5.17
N ILE C 95 4.36 14.56 -5.57
CA ILE C 95 5.67 14.46 -4.91
C ILE C 95 5.98 15.79 -4.21
N PRO C 96 6.15 15.80 -2.90
CA PRO C 96 6.47 17.05 -2.18
C PRO C 96 7.84 17.56 -2.54
N PRO C 97 8.13 18.83 -2.22
CA PRO C 97 9.47 19.38 -2.45
C PRO C 97 10.53 18.65 -1.64
N LYS C 98 11.72 18.55 -2.22
CA LYS C 98 12.88 17.95 -1.56
C LYS C 98 12.52 16.58 -0.94
N ALA C 99 11.70 15.81 -1.65
CA ALA C 99 11.26 14.52 -1.18
C ALA C 99 12.17 13.41 -1.71
N THR C 100 12.56 12.51 -0.82
CA THR C 100 13.27 11.28 -1.19
C THR C 100 12.25 10.20 -1.52
N LEU C 101 12.45 9.52 -2.64
CA LEU C 101 11.46 8.59 -3.18
C LEU C 101 11.98 7.16 -3.12
N ASN C 102 11.08 6.22 -2.83
CA ASN C 102 11.35 4.79 -2.91
C ASN C 102 10.63 4.20 -4.11
N PHE C 103 11.38 3.57 -5.01
CA PHE C 103 10.78 2.83 -6.12
C PHE C 103 11.13 1.36 -5.93
N GLU C 104 10.14 0.53 -5.65
CA GLU C 104 10.38 -0.90 -5.68
C GLU C 104 10.18 -1.33 -7.12
N VAL C 105 11.26 -1.71 -7.78
CA VAL C 105 11.24 -2.00 -9.21
C VAL C 105 11.61 -3.46 -9.44
N GLU C 106 11.05 -4.02 -10.50
CA GLU C 106 11.38 -5.37 -10.93
C GLU C 106 11.60 -5.32 -12.44
N LEU C 107 12.83 -5.55 -12.85
CA LEU C 107 13.19 -5.52 -14.25
C LEU C 107 12.76 -6.84 -14.87
N ILE C 108 11.73 -6.83 -15.71
CA ILE C 108 11.22 -8.08 -16.26
C ILE C 108 11.66 -8.34 -17.69
N LYS C 109 12.11 -7.33 -18.44
CA LYS C 109 12.68 -7.61 -19.75
C LYS C 109 13.59 -6.45 -20.16
N ILE C 110 14.66 -6.80 -20.90
CA ILE C 110 15.53 -5.85 -21.57
C ILE C 110 15.41 -6.10 -23.06
N ASN C 111 15.37 -5.01 -23.82
CA ASN C 111 15.66 -5.09 -25.25
C ASN C 111 16.70 -3.98 -25.62
N VAL D 6 -7.87 29.18 6.77
CA VAL D 6 -8.62 28.00 7.17
C VAL D 6 -9.40 28.24 8.43
N THR D 7 -10.68 27.86 8.42
CA THR D 7 -11.50 27.83 9.62
C THR D 7 -12.39 26.61 9.55
N VAL D 8 -12.49 25.91 10.69
CA VAL D 8 -13.13 24.62 10.78
C VAL D 8 -14.45 24.78 11.51
N GLU D 9 -15.50 24.11 11.01
CA GLU D 9 -16.80 24.10 11.66
C GLU D 9 -17.23 22.65 11.84
N ARG D 10 -17.41 22.23 13.09
CA ARG D 10 -17.71 20.83 13.36
C ARG D 10 -19.21 20.57 13.21
N ILE D 11 -19.56 19.40 12.68
CA ILE D 11 -20.93 18.99 12.50
C ILE D 11 -21.27 17.79 13.36
N ALA D 12 -20.39 16.80 13.40
CA ALA D 12 -20.51 15.66 14.30
C ALA D 12 -19.16 15.43 14.95
N PRO D 13 -19.14 14.90 16.16
CA PRO D 13 -17.87 14.78 16.88
C PRO D 13 -17.21 13.43 16.67
N GLY D 14 -15.88 13.45 16.58
CA GLY D 14 -15.10 12.24 16.51
C GLY D 14 -14.87 11.64 17.88
N ASP D 15 -13.81 10.85 18.01
CA ASP D 15 -13.51 10.22 19.28
C ASP D 15 -12.62 11.08 20.17
N GLY D 16 -12.29 12.30 19.74
CA GLY D 16 -11.58 13.25 20.56
C GLY D 16 -10.14 12.91 20.89
N LYS D 17 -9.70 11.69 20.61
CA LYS D 17 -8.34 11.27 20.95
C LYS D 17 -7.39 11.31 19.76
N ASN D 18 -7.78 10.70 18.64
CA ASN D 18 -6.87 10.45 17.52
C ASN D 18 -6.99 11.55 16.49
N PHE D 19 -5.92 12.34 16.35
CA PHE D 19 -5.81 13.45 15.43
C PHE D 19 -4.67 13.20 14.46
N PRO D 20 -4.79 13.61 13.21
CA PRO D 20 -3.68 13.44 12.28
C PRO D 20 -2.51 14.32 12.68
N LYS D 21 -1.31 13.89 12.32
CA LYS D 21 -0.12 14.68 12.53
C LYS D 21 0.70 14.62 11.25
N LYS D 22 1.58 15.59 11.06
CA LYS D 22 2.38 15.67 9.84
C LYS D 22 2.91 14.29 9.46
N GLY D 23 2.78 13.95 8.18
CA GLY D 23 3.24 12.68 7.66
C GLY D 23 2.25 11.56 7.78
N ASP D 24 1.18 11.73 8.55
CA ASP D 24 0.13 10.71 8.60
C ASP D 24 -0.54 10.54 7.24
N LYS D 25 -1.01 9.33 6.99
CA LYS D 25 -1.86 9.00 5.87
C LYS D 25 -3.31 9.03 6.36
N VAL D 26 -4.14 9.86 5.77
CA VAL D 26 -5.52 10.03 6.19
C VAL D 26 -6.45 9.44 5.13
N THR D 27 -7.59 8.94 5.60
CA THR D 27 -8.67 8.45 4.74
C THR D 27 -9.89 9.31 5.02
N ILE D 28 -10.43 9.96 3.99
CA ILE D 28 -11.39 11.04 4.26
C ILE D 28 -12.36 11.19 3.08
N HIS D 29 -13.64 11.36 3.43
CA HIS D 29 -14.71 11.71 2.49
C HIS D 29 -14.85 13.23 2.45
N TYR D 30 -14.91 13.81 1.25
CA TYR D 30 -15.14 15.25 1.14
C TYR D 30 -16.24 15.57 0.14
N VAL D 31 -16.80 16.78 0.30
CA VAL D 31 -17.70 17.38 -0.67
C VAL D 31 -17.25 18.82 -0.85
N GLY D 32 -16.82 19.17 -2.06
CA GLY D 32 -16.28 20.49 -2.34
C GLY D 32 -17.28 21.36 -3.10
N THR D 33 -17.55 22.54 -2.55
CA THR D 33 -18.46 23.51 -3.14
C THR D 33 -17.80 24.86 -3.14
N LEU D 34 -18.14 25.68 -4.14
CA LEU D 34 -17.69 27.05 -4.15
C LEU D 34 -18.43 27.86 -3.07
N GLU D 35 -17.98 29.10 -2.87
CA GLU D 35 -18.66 30.01 -1.98
C GLU D 35 -20.16 30.11 -2.27
N ASN D 36 -20.54 30.06 -3.55
CA ASN D 36 -21.95 30.15 -3.89
C ASN D 36 -22.71 28.86 -3.65
N GLY D 37 -22.06 27.83 -3.10
CA GLY D 37 -22.71 26.58 -2.80
C GLY D 37 -22.68 25.52 -3.89
N ASP D 38 -22.33 25.88 -5.13
CA ASP D 38 -22.30 24.91 -6.23
C ASP D 38 -21.19 23.87 -6.03
N LYS D 39 -21.54 22.60 -6.18
CA LYS D 39 -20.59 21.52 -5.98
C LYS D 39 -19.61 21.45 -7.15
N PHE D 40 -18.33 21.28 -6.85
CA PHE D 40 -17.36 21.02 -7.91
C PHE D 40 -16.72 19.65 -7.79
N ASP D 41 -16.88 18.96 -6.66
CA ASP D 41 -16.32 17.62 -6.50
C ASP D 41 -16.93 16.97 -5.26
N SER D 42 -16.91 15.64 -5.25
CA SER D 42 -17.46 14.86 -4.15
C SER D 42 -16.89 13.46 -4.19
N SER D 43 -16.25 13.01 -3.10
CA SER D 43 -15.81 11.62 -3.06
C SER D 43 -16.94 10.68 -2.70
N ARG D 44 -18.04 11.21 -2.18
CA ARG D 44 -19.19 10.36 -1.88
C ARG D 44 -19.89 9.89 -3.16
N ASP D 45 -19.94 10.74 -4.19
CA ASP D 45 -20.51 10.32 -5.46
C ASP D 45 -19.68 9.23 -6.15
N ARG D 46 -18.39 9.14 -5.84
CA ARG D 46 -17.55 8.06 -6.36
C ARG D 46 -17.53 6.84 -5.45
N GLY D 47 -18.27 6.88 -4.35
CA GLY D 47 -18.37 5.79 -3.40
C GLY D 47 -17.07 5.47 -2.68
N SER D 48 -16.13 6.42 -2.60
CA SER D 48 -14.73 6.10 -2.35
C SER D 48 -14.01 7.23 -1.63
N PRO D 49 -13.81 7.11 -0.32
CA PRO D 49 -13.03 8.12 0.42
C PRO D 49 -11.63 8.28 -0.16
N PHE D 50 -11.06 9.46 0.10
CA PHE D 50 -9.78 9.87 -0.46
C PHE D 50 -8.64 9.64 0.54
N GLN D 51 -7.47 9.25 0.04
CA GLN D 51 -6.30 9.05 0.89
C GLN D 51 -5.16 9.98 0.50
N CYS D 52 -4.48 10.55 1.49
CA CYS D 52 -3.36 11.43 1.22
C CYS D 52 -2.45 11.53 2.45
N THR D 53 -1.23 12.01 2.21
CA THR D 53 -0.28 12.28 3.27
C THR D 53 -0.49 13.70 3.75
N ILE D 54 -0.80 13.86 5.03
CA ILE D 54 -1.22 15.16 5.54
C ILE D 54 -0.02 15.91 6.08
N GLY D 55 -0.13 17.24 6.10
CA GLY D 55 0.87 18.11 6.68
C GLY D 55 2.20 18.09 5.97
N VAL D 56 2.22 17.75 4.69
CA VAL D 56 3.45 17.46 3.97
C VAL D 56 3.61 18.31 2.72
N GLY D 57 2.59 19.06 2.32
CA GLY D 57 2.63 19.81 1.08
C GLY D 57 2.18 19.05 -0.14
N GLN D 58 1.38 17.99 0.05
CA GLN D 58 0.83 17.23 -1.07
C GLN D 58 -0.51 17.82 -1.53
N VAL D 59 -1.46 17.95 -0.60
CA VAL D 59 -2.77 18.54 -0.86
C VAL D 59 -2.73 20.02 -0.51
N ILE D 60 -3.83 20.75 -0.78
CA ILE D 60 -3.85 22.21 -0.56
C ILE D 60 -3.52 22.56 0.90
N LYS D 61 -3.11 23.82 1.10
CA LYS D 61 -2.63 24.25 2.43
C LYS D 61 -3.75 24.25 3.46
N GLY D 62 -4.98 24.55 3.06
CA GLY D 62 -6.10 24.48 3.98
C GLY D 62 -6.39 23.09 4.49
N TRP D 63 -5.96 22.05 3.75
CA TRP D 63 -6.10 20.69 4.22
C TRP D 63 -4.96 20.30 5.17
N ASP D 64 -3.72 20.60 4.80
CA ASP D 64 -2.60 20.37 5.70
C ASP D 64 -2.82 21.05 7.05
N GLU D 65 -3.38 22.25 7.03
CA GLU D 65 -3.58 23.02 8.25
C GLU D 65 -4.92 22.75 8.91
N GLY D 66 -5.87 22.18 8.19
CA GLY D 66 -7.20 21.99 8.74
C GLY D 66 -7.51 20.56 9.14
N VAL D 67 -7.09 19.58 8.34
CA VAL D 67 -7.36 18.18 8.67
C VAL D 67 -6.63 17.79 9.95
N THR D 68 -5.53 18.46 10.28
CA THR D 68 -4.74 18.09 11.45
C THR D 68 -5.51 18.40 12.74
N GLN D 69 -6.69 19.02 12.61
CA GLN D 69 -7.48 19.46 13.75
C GLN D 69 -8.72 18.60 13.98
N LEU D 70 -8.86 17.48 13.27
CA LEU D 70 -10.04 16.64 13.38
C LEU D 70 -9.71 15.33 14.09
N SER D 71 -10.65 14.82 14.89
CA SER D 71 -10.45 13.49 15.44
C SER D 71 -11.15 12.47 14.55
N VAL D 72 -10.82 11.19 14.74
CA VAL D 72 -11.37 10.15 13.89
C VAL D 72 -12.86 10.01 14.17
N GLY D 73 -13.66 10.04 13.09
CA GLY D 73 -15.10 10.06 13.19
C GLY D 73 -15.72 11.42 12.99
N GLU D 74 -14.91 12.48 12.99
CA GLU D 74 -15.45 13.84 13.00
C GLU D 74 -15.95 14.24 11.62
N LYS D 75 -17.15 14.82 11.58
CA LYS D 75 -17.67 15.48 10.39
C LYS D 75 -17.57 16.99 10.59
N ALA D 76 -16.94 17.69 9.65
CA ALA D 76 -16.64 19.10 9.82
C ALA D 76 -16.60 19.83 8.48
N ARG D 77 -16.66 21.16 8.56
CA ARG D 77 -16.58 22.01 7.38
C ARG D 77 -15.22 22.69 7.39
N LEU D 78 -14.45 22.51 6.34
CA LEU D 78 -13.16 23.18 6.16
C LEU D 78 -13.38 24.32 5.17
N ILE D 79 -13.26 25.55 5.65
CA ILE D 79 -13.45 26.74 4.84
C ILE D 79 -12.08 27.34 4.57
N CYS D 80 -11.62 27.25 3.32
CA CYS D 80 -10.29 27.66 2.94
C CYS D 80 -10.36 28.93 2.11
N THR D 81 -9.66 29.97 2.53
CA THR D 81 -9.49 31.12 1.67
C THR D 81 -8.50 30.77 0.56
N HIS D 82 -8.54 31.54 -0.53
CA HIS D 82 -7.73 31.19 -1.69
C HIS D 82 -6.27 31.10 -1.33
N ASP D 83 -5.84 31.83 -0.29
CA ASP D 83 -4.48 31.71 0.19
C ASP D 83 -4.17 30.29 0.66
N TYR D 84 -5.17 29.59 1.20
CA TYR D 84 -5.01 28.20 1.60
C TYR D 84 -5.57 27.23 0.56
N ALA D 85 -5.79 27.68 -0.67
CA ALA D 85 -6.33 26.81 -1.71
C ALA D 85 -5.61 27.03 -3.03
N TYR D 86 -6.35 27.36 -4.08
CA TYR D 86 -5.75 27.48 -5.40
C TYR D 86 -5.39 28.92 -5.74
N GLY D 87 -5.55 29.83 -4.78
CA GLY D 87 -4.92 31.13 -4.84
C GLY D 87 -5.47 32.01 -5.95
N GLU D 88 -4.59 32.84 -6.51
CA GLU D 88 -4.96 33.76 -7.56
C GLU D 88 -5.08 33.10 -8.92
N ARG D 89 -4.61 31.86 -9.06
CA ARG D 89 -4.67 31.15 -10.33
C ARG D 89 -5.92 30.28 -10.46
N GLY D 90 -6.45 29.76 -9.35
CA GLY D 90 -7.49 28.75 -9.40
C GLY D 90 -7.00 27.48 -10.10
N TYR D 91 -7.95 26.58 -10.34
CA TYR D 91 -7.70 25.34 -11.07
C TYR D 91 -8.45 25.40 -12.40
N PRO D 92 -7.76 25.33 -13.54
CA PRO D 92 -8.41 25.66 -14.83
C PRO D 92 -9.64 24.82 -15.09
N GLY D 93 -10.70 25.49 -15.56
CA GLY D 93 -11.96 24.83 -15.82
C GLY D 93 -12.72 24.37 -14.61
N LEU D 94 -12.26 24.66 -13.40
CA LEU D 94 -12.96 24.11 -12.25
C LEU D 94 -13.10 25.08 -11.08
N ILE D 95 -12.03 25.83 -10.76
CA ILE D 95 -12.03 26.71 -9.60
C ILE D 95 -11.62 28.09 -10.11
N PRO D 96 -12.44 29.11 -9.94
CA PRO D 96 -12.09 30.45 -10.42
C PRO D 96 -11.00 31.05 -9.56
N PRO D 97 -10.30 32.07 -10.06
CA PRO D 97 -9.26 32.73 -9.25
C PRO D 97 -9.79 33.27 -7.94
N LYS D 98 -8.92 33.26 -6.93
CA LYS D 98 -9.17 33.91 -5.64
C LYS D 98 -10.48 33.43 -5.01
N ALA D 99 -10.76 32.13 -5.16
CA ALA D 99 -12.01 31.54 -4.71
C ALA D 99 -11.88 30.99 -3.30
N THR D 100 -12.97 31.06 -2.55
CA THR D 100 -13.07 30.45 -1.23
C THR D 100 -13.83 29.15 -1.36
N LEU D 101 -13.27 28.07 -0.82
CA LEU D 101 -13.75 26.72 -1.05
C LEU D 101 -14.31 26.14 0.25
N ASN D 102 -15.37 25.34 0.13
CA ASN D 102 -16.01 24.66 1.25
C ASN D 102 -15.82 23.15 1.10
N PHE D 103 -15.24 22.52 2.11
CA PHE D 103 -15.11 21.07 2.15
C PHE D 103 -15.88 20.56 3.36
N GLU D 104 -16.97 19.84 3.11
CA GLU D 104 -17.63 19.09 4.16
C GLU D 104 -16.98 17.71 4.22
N VAL D 105 -16.18 17.49 5.26
CA VAL D 105 -15.29 16.33 5.32
C VAL D 105 -15.69 15.39 6.46
N GLU D 106 -15.32 14.13 6.30
CA GLU D 106 -15.49 13.09 7.32
C GLU D 106 -14.17 12.32 7.40
N LEU D 107 -13.48 12.42 8.53
CA LEU D 107 -12.19 11.76 8.71
C LEU D 107 -12.46 10.32 9.11
N ILE D 108 -12.13 9.37 8.23
CA ILE D 108 -12.51 7.99 8.47
C ILE D 108 -11.40 7.19 9.13
N LYS D 109 -10.13 7.49 8.84
CA LYS D 109 -9.04 6.70 9.40
C LYS D 109 -7.73 7.48 9.34
N ILE D 110 -6.83 7.20 10.30
CA ILE D 110 -5.47 7.73 10.30
C ILE D 110 -4.50 6.55 10.24
N ASN D 111 -3.37 6.75 9.57
CA ASN D 111 -2.24 5.81 9.62
C ASN D 111 -0.87 6.47 9.59
C1 FK5 E . 16.83 -13.61 15.32
C2 FK5 E . 16.77 -13.53 13.82
C3 FK5 E . 15.42 -14.04 13.32
C4 FK5 E . 15.30 -15.56 13.50
C5 FK5 E . 16.40 -16.29 12.76
C6 FK5 E . 17.78 -15.83 13.23
C8 FK5 E . 18.83 -13.72 12.63
C9 FK5 E . 19.90 -14.45 12.09
C10 FK5 E . 21.24 -14.67 12.81
C11 FK5 E . 21.65 -13.57 13.81
C12 FK5 E . 22.77 -14.01 14.75
C13 FK5 E . 22.44 -15.37 15.37
C14 FK5 E . 22.16 -16.36 14.24
C15 FK5 E . 21.68 -17.77 14.61
C16 FK5 E . 20.57 -17.79 15.66
C17 FK5 E . 20.02 -19.19 15.89
C18 FK5 E . 20.90 -19.94 16.91
C19 FK5 E . 20.64 -19.42 18.31
C20 FK5 E . 21.48 -18.35 18.87
C21 FK5 E . 21.17 -17.78 20.22
C22 FK5 E . 20.30 -16.57 20.06
C23 FK5 E . 18.79 -16.65 20.23
C24 FK5 E . 18.15 -15.42 19.56
C25 FK5 E . 18.22 -15.49 18.03
C26 FK5 E . 17.59 -14.25 17.38
C27 FK5 E . 18.29 -13.03 17.90
C28 FK5 E . 17.50 -11.99 18.57
C29 FK5 E . 18.17 -10.84 19.23
C30 FK5 E . 17.37 -9.62 18.81
C31 FK5 E . 17.70 -8.37 19.62
C32 FK5 E . 17.60 -8.62 21.11
C33 FK5 E . 18.45 -9.80 21.52
C34 FK5 E . 18.06 -11.05 20.73
C35 FK5 E . 22.03 -12.29 13.07
C36 FK5 E . 19.82 -19.93 14.57
C37 FK5 E . 19.51 -19.95 19.14
C38 FK5 E . 22.50 -17.34 20.82
C39 FK5 E . 22.28 -16.73 22.19
C40 FK5 E . 22.86 -17.37 23.39
C41 FK5 E . 17.61 -16.78 17.51
C42 FK5 E . 19.77 -12.83 17.74
C43 FK5 E . 23.65 -15.08 17.38
C44 FK5 E . 23.26 -19.18 13.74
C45 FK5 E . 17.25 -6.67 18.07
N7 FK5 E . 17.83 -14.35 13.21
O1 FK5 E . 17.66 -14.32 15.95
O2 FK5 E . 15.91 -12.87 16.03
O3 FK5 E . 18.81 -12.32 12.53
O4 FK5 E . 19.70 -15.00 10.82
O5 FK5 E . 21.07 -15.90 13.50
O6 FK5 E . 22.27 -14.82 11.81
O7 FK5 E . 23.52 -15.80 16.18
O8 FK5 E . 22.75 -18.62 14.94
O9 FK5 E . 20.91 -15.35 19.76
O10 FK5 E . 16.80 -15.35 19.96
O11 FK5 E . 16.81 -7.34 19.25
O12 FK5 E . 18.10 -7.46 21.74
C1 FK5 F . -19.86 -3.61 -6.77
C2 FK5 F . -18.67 -4.53 -6.83
C3 FK5 F . -18.17 -4.84 -5.41
C4 FK5 F . -17.61 -3.60 -4.73
C5 FK5 F . -16.52 -2.96 -5.58
C6 FK5 F . -16.94 -2.70 -7.03
C8 FK5 F . -17.13 -4.51 -8.70
C9 FK5 F . -16.05 -3.96 -9.40
C10 FK5 F . -16.19 -2.92 -10.52
C11 FK5 F . -17.41 -3.21 -11.42
C12 FK5 F . -17.65 -2.04 -12.36
C13 FK5 F . -17.61 -0.69 -11.66
C14 FK5 F . -16.35 -0.56 -10.81
C15 FK5 F . -16.18 0.73 -9.98
C16 FK5 F . -17.37 1.12 -9.11
C17 FK5 F . -17.09 2.29 -8.17
C18 FK5 F . -17.38 3.61 -8.88
C19 FK5 F . -18.86 3.77 -8.95
C20 FK5 F . -19.59 3.46 -10.20
C21 FK5 F . -21.09 3.39 -10.27
C22 FK5 F . -21.57 2.06 -9.79
C23 FK5 F . -21.99 1.86 -8.36
C24 FK5 F . -22.28 0.39 -8.01
C25 FK5 F . -20.99 -0.40 -7.79
C26 FK5 F . -21.21 -1.90 -7.60
C27 FK5 F . -22.06 -2.45 -8.72
C28 FK5 F . -23.29 -3.16 -8.35
C29 FK5 F . -24.31 -3.58 -9.36
C30 FK5 F . -24.40 -5.11 -9.33
C31 FK5 F . -25.57 -5.66 -10.15
C32 FK5 F . -26.87 -4.98 -9.77
C33 FK5 F . -26.77 -3.46 -9.88
C34 FK5 F . -25.65 -2.94 -8.99
C35 FK5 F . -17.23 -4.50 -12.22
C36 FK5 F . -15.67 2.31 -7.60
C37 FK5 F . -19.57 4.25 -7.70
C38 FK5 F . -21.52 3.53 -11.73
C39 FK5 F . -21.73 4.99 -12.05
C40 FK5 F . -20.94 5.69 -13.08
C41 FK5 F . -20.26 0.14 -6.56
C42 FK5 F . -21.69 -2.28 -10.17
C43 FK5 F . -19.01 0.31 -13.23
C44 FK5 F . -14.44 1.88 -10.98
C45 FK5 F . -24.74 -7.85 -10.54
N7 FK5 F . -17.55 -3.93 -7.57
O1 FK5 F . -19.96 -2.57 -7.50
O2 FK5 F . -20.87 -3.96 -5.87
O3 FK5 F . -17.74 -5.71 -9.13
O4 FK5 F . -14.74 -4.34 -9.00
O5 FK5 F . -16.34 -1.65 -9.92
O6 FK5 F . -14.96 -2.91 -11.31
O7 FK5 F . -17.72 0.34 -12.63
O8 FK5 F . -15.84 1.80 -10.83
O9 FK5 F . -21.65 0.98 -10.70
O10 FK5 F . -23.03 0.43 -6.80
O11 FK5 F . -25.70 -7.04 -9.89
O12 FK5 F . -27.89 -5.43 -10.63
C1 FK5 G . 9.28 9.24 -14.60
C2 FK5 G . 9.33 8.44 -13.32
C3 FK5 G . 10.22 7.21 -13.47
C4 FK5 G . 9.62 6.21 -14.45
C5 FK5 G . 8.22 5.77 -14.01
C6 FK5 G . 7.28 6.95 -13.70
C8 FK5 G . 7.50 8.49 -11.80
C9 FK5 G . 6.25 8.14 -11.28
C10 FK5 G . 4.97 8.87 -11.70
C11 FK5 G . 5.25 10.36 -11.93
C12 FK5 G . 4.20 11.05 -12.78
C13 FK5 G . 3.68 10.20 -13.93
C14 FK5 G . 3.36 8.77 -13.48
C15 FK5 G . 3.01 7.83 -14.63
C16 FK5 G . 3.82 8.07 -15.91
C17 FK5 G . 3.60 7.07 -17.06
C18 FK5 G . 2.42 7.49 -17.95
C19 FK5 G . 2.88 8.57 -18.87
C20 FK5 G . 2.70 10.00 -18.53
C21 FK5 G . 3.39 11.09 -19.29
C22 FK5 G . 4.74 11.39 -18.71
C23 FK5 G . 5.96 10.82 -19.39
C24 FK5 G . 7.22 11.02 -18.57
C25 FK5 G . 7.28 10.06 -17.36
C26 FK5 G . 8.40 10.36 -16.37
C27 FK5 G . 8.53 11.82 -16.05
C28 FK5 G . 9.76 12.54 -16.46
C29 FK5 G . 9.94 14.02 -16.28
C30 FK5 G . 10.97 14.28 -15.18
C31 FK5 G . 11.30 15.77 -15.00
C32 FK5 G . 11.70 16.42 -16.32
C33 FK5 G . 10.66 16.12 -17.41
C34 FK5 G . 10.43 14.63 -17.58
C35 FK5 G . 5.35 11.07 -10.59
C36 FK5 G . 3.41 5.63 -16.59
C37 FK5 G . 3.56 8.19 -20.15
C38 FK5 G . 2.60 12.39 -19.24
C39 FK5 G . 1.41 12.33 -20.16
C40 FK5 G . 0.07 12.14 -19.62
C41 FK5 G . 7.39 8.62 -17.85
C42 FK5 G . 7.45 12.56 -15.30
C43 FK5 G . 2.66 12.05 -14.94
C44 FK5 G . 0.89 7.25 -13.89
C45 FK5 G . 12.07 16.02 -12.75
N7 FK5 G . 7.99 7.96 -12.90
O1 FK5 G . 8.20 9.60 -15.17
O2 FK5 G . 10.52 9.61 -15.16
O3 FK5 G . 8.29 9.42 -11.11
O4 FK5 G . 6.17 7.08 -10.36
O5 FK5 G . 4.49 8.22 -12.85
O6 FK5 G . 4.03 8.71 -10.61
O7 FK5 G . 2.47 10.77 -14.39
O8 FK5 G . 1.63 7.92 -14.89
O9 FK5 G . 4.86 12.21 -17.57
O10 FK5 G . 8.28 10.78 -19.47
O11 FK5 G . 12.40 15.99 -14.12
O12 FK5 G . 11.76 17.81 -16.06
C1 FK5 H . -6.56 18.91 -3.26
C2 FK5 H . -7.92 19.23 -2.72
C3 FK5 H . -8.06 18.72 -1.29
C4 FK5 H . -8.19 17.20 -1.17
C5 FK5 H . -9.28 16.62 -2.08
C6 FK5 H . -9.16 17.14 -3.52
C8 FK5 H . -9.67 19.38 -4.35
C9 FK5 H . -10.70 18.83 -5.14
C10 FK5 H . -10.48 18.37 -6.57
C11 FK5 H . -9.41 19.18 -7.32
C12 FK5 H . -9.10 18.51 -8.65
C13 FK5 H . -8.75 17.05 -8.39
C14 FK5 H . -9.90 16.35 -7.70
C15 FK5 H . -9.61 14.88 -7.42
C16 FK5 H . -8.21 14.69 -6.86
C17 FK5 H . -8.01 13.30 -6.25
C18 FK5 H . -7.54 12.33 -7.33
C19 FK5 H . -6.06 12.48 -7.57
C20 FK5 H . -5.56 13.39 -8.61
C21 FK5 H . -4.11 13.76 -8.68
C22 FK5 H . -3.80 14.95 -7.83
C23 FK5 H . -3.52 14.80 -6.35
C24 FK5 H . -3.57 16.16 -5.69
C25 FK5 H . -5.00 16.56 -5.31
C26 FK5 H . -5.09 17.94 -4.67
C27 FK5 H . -4.64 18.97 -5.65
C28 FK5 H . -3.45 19.76 -5.35
C29 FK5 H . -2.94 20.77 -6.31
C30 FK5 H . -2.62 22.02 -5.51
C31 FK5 H . -1.94 23.10 -6.34
C32 FK5 H . -0.70 22.56 -7.04
C33 FK5 H . -1.02 21.30 -7.83
C34 FK5 H . -1.67 20.23 -6.94
C35 FK5 H . -9.83 20.63 -7.55
C36 FK5 H . -9.28 12.80 -5.60
C37 FK5 H . -5.09 11.71 -6.72
C38 FK5 H . -3.88 14.11 -10.14
C39 FK5 H . -2.42 14.47 -10.32
C40 FK5 H . -1.44 13.40 -10.35
C41 FK5 H . -5.64 15.52 -4.41
C42 FK5 H . -5.37 19.20 -6.93
C43 FK5 H . -7.14 16.78 -10.02
C44 FK5 H . -11.03 13.54 -8.65
C45 FK5 H . -2.69 24.87 -5.02
N7 FK5 H . -8.94 18.60 -3.57
O1 FK5 H . -6.42 18.21 -4.30
O2 FK5 H . -5.43 19.39 -2.58
O3 FK5 H . -9.42 20.77 -4.38
O4 FK5 H . -11.98 18.62 -4.56
O5 FK5 H . -10.14 16.99 -6.47
O6 FK5 H . -11.72 18.50 -7.31
O7 FK5 H . -8.43 16.41 -9.60
O8 FK5 H . -9.77 14.16 -8.63
O9 FK5 H . -3.76 16.25 -8.37
O10 FK5 H . -2.75 16.11 -4.54
O11 FK5 H . -1.57 24.17 -5.51
O12 FK5 H . -0.18 23.56 -7.88
#